data_6LKA
#
_entry.id   6LKA
#
_cell.length_a   64.270
_cell.length_b   64.641
_cell.length_c   75.855
_cell.angle_alpha   90.000
_cell.angle_beta   90.000
_cell.angle_gamma   90.000
#
_symmetry.space_group_name_H-M   'C 2 2 21'
#
loop_
_entity.id
_entity.type
_entity.pdbx_description
1 polymer '3C proteinase'
2 non-polymer ~{N}-[(2~{S})-1-[[(2~{S},3~{S},6~{S},7~{Z},12~{E})-4,9-bis(oxidanylidene)-6-[[(3~{S})-2-oxidanylidenepyrrolidin-3-yl]methyl]-2-phenyl-1,10-dioxa-5-azacyclopentadeca-7,12-dien-3-yl]amino]-3-methyl-1-oxidanylidene-butan-2-yl]-5-methyl-1,2-oxazole-3-carboxamide
3 water water
#
_entity_poly.entity_id   1
_entity_poly.type   'polypeptide(L)'
_entity_poly.pdbx_seq_one_letter_code
;MGPSLDFALSLLRRNVRQVQTDQGHFTMLGVRDRLAVLPRHSQPGKTIWIEHKLVNILDAVELVDEQGVNLELTLITLDT
NEKFRDITKFIPENISTASDATLVINTEHMPSMFVPVGDVVQYGFLNLSGKPTHRTMMYNFPTKAGQCGGVVTSVGKVIG
IHIGGNGRQGFCAGLKRSYFA
;
_entity_poly.pdbx_strand_id   A
#
loop_
_chem_comp.id
_chem_comp.type
_chem_comp.name
_chem_comp.formula
EGF non-polymer ~{N}-[(2~{S})-1-[[(2~{S},3~{S},6~{S},7~{Z},12~{E})-4,9-bis(oxidanylidene)-6-[[(3~{S})-2-oxidanylidenepyrrolidin-3-yl]methyl]-2-phenyl-1,10-dioxa-5-azacyclopentadeca-7,12-dien-3-yl]amino]-3-methyl-1-oxidanylidene-butan-2-yl]-5-methyl-1,2-oxazole-3-carboxamide 'C33 H41 N5 O8'
#
# COMPACT_ATOMS: atom_id res chain seq x y z
N MET A 1 11.39 -18.83 14.99
CA MET A 1 10.61 -17.61 14.88
C MET A 1 9.11 -17.86 14.78
N GLY A 2 8.30 -16.98 15.38
CA GLY A 2 6.88 -17.12 15.32
C GLY A 2 6.32 -16.75 13.95
N PRO A 3 5.01 -16.83 13.83
CA PRO A 3 4.38 -16.81 12.50
C PRO A 3 4.04 -15.43 11.99
N SER A 4 3.61 -14.54 12.89
CA SER A 4 3.22 -13.20 12.47
C SER A 4 4.45 -12.38 12.06
N LEU A 5 5.59 -12.65 12.69
CA LEU A 5 6.84 -12.03 12.28
C LEU A 5 7.34 -12.61 10.95
N ASP A 6 7.23 -13.94 10.80
CA ASP A 6 7.65 -14.59 9.55
C ASP A 6 6.92 -14.01 8.35
N PHE A 7 5.58 -13.97 8.43
CA PHE A 7 4.78 -13.43 7.33
C PHE A 7 5.19 -11.99 6.99
N ALA A 8 5.36 -11.14 8.00
CA ALA A 8 5.76 -9.76 7.75
C ALA A 8 7.15 -9.70 7.13
N LEU A 9 8.09 -10.51 7.63
CA LEU A 9 9.43 -10.52 7.06
C LEU A 9 9.43 -11.12 5.66
N SER A 10 8.53 -12.07 5.38
CA SER A 10 8.40 -12.59 4.03
C SER A 10 7.91 -11.52 3.08
N LEU A 11 6.85 -10.80 3.47
CA LEU A 11 6.36 -9.65 2.72
C LEU A 11 7.50 -8.72 2.35
N LEU A 12 8.24 -8.25 3.36
CA LEU A 12 9.39 -7.39 3.12
C LEU A 12 10.32 -7.97 2.08
N ARG A 13 10.53 -9.28 2.16
CA ARG A 13 11.57 -9.93 1.36
C ARG A 13 11.17 -10.02 -0.11
N ARG A 14 9.91 -10.35 -0.40
CA ARG A 14 9.54 -10.58 -1.80
C ARG A 14 8.42 -9.73 -2.36
N ASN A 15 7.74 -8.90 -1.56
CA ASN A 15 6.64 -8.14 -2.12
C ASN A 15 6.65 -6.65 -1.83
N VAL A 16 7.41 -6.17 -0.85
CA VAL A 16 7.34 -4.79 -0.38
C VAL A 16 8.64 -4.11 -0.78
N ARG A 17 8.56 -3.10 -1.65
CA ARG A 17 9.74 -2.52 -2.29
C ARG A 17 9.93 -1.05 -1.90
N GLN A 18 11.21 -0.64 -1.85
CA GLN A 18 11.56 0.76 -1.64
C GLN A 18 11.51 1.49 -2.98
N VAL A 19 10.75 2.58 -3.06
CA VAL A 19 10.62 3.27 -4.34
C VAL A 19 10.72 4.77 -4.17
N GLN A 20 11.03 5.44 -5.29
CA GLN A 20 11.15 6.89 -5.39
C GLN A 20 10.48 7.38 -6.67
N THR A 21 9.59 8.36 -6.55
CA THR A 21 9.04 9.12 -7.67
C THR A 21 9.38 10.59 -7.50
N ASP A 22 9.00 11.42 -8.48
CA ASP A 22 9.20 12.86 -8.38
C ASP A 22 8.54 13.46 -7.16
N GLN A 23 7.65 12.73 -6.48
CA GLN A 23 6.99 13.16 -5.26
C GLN A 23 7.68 12.71 -3.98
N GLY A 24 8.73 11.88 -4.08
CA GLY A 24 9.42 11.45 -2.89
C GLY A 24 9.51 9.94 -2.75
N HIS A 25 9.79 9.49 -1.52
CA HIS A 25 9.92 8.09 -1.19
C HIS A 25 8.58 7.47 -0.82
N PHE A 26 8.36 6.24 -1.28
CA PHE A 26 7.15 5.52 -0.96
C PHE A 26 7.50 4.05 -0.79
N THR A 27 6.59 3.34 -0.14
CA THR A 27 6.60 1.87 -0.09
C THR A 27 5.71 1.38 -1.22
N MET A 28 6.18 0.39 -1.99
CA MET A 28 5.41 -0.18 -3.08
C MET A 28 5.15 -1.67 -2.80
N LEU A 29 3.90 -2.09 -3.01
CA LEU A 29 3.51 -3.49 -2.84
C LEU A 29 3.37 -4.18 -4.19
N GLY A 30 4.22 -5.19 -4.42
CA GLY A 30 4.07 -6.07 -5.57
C GLY A 30 3.08 -7.18 -5.22
N VAL A 31 2.10 -7.36 -6.08
CA VAL A 31 0.96 -8.21 -5.79
C VAL A 31 1.04 -9.55 -6.52
N ARG A 32 1.36 -9.52 -7.81
CA ARG A 32 1.53 -10.73 -8.61
C ARG A 32 2.08 -10.32 -9.96
N ASP A 33 2.65 -11.30 -10.66
CA ASP A 33 3.19 -11.08 -12.01
C ASP A 33 3.99 -9.79 -12.05
N ARG A 34 3.66 -8.87 -12.95
CA ARG A 34 4.37 -7.59 -13.03
C ARG A 34 3.51 -6.45 -12.50
N LEU A 35 2.47 -6.80 -11.74
CA LEU A 35 1.47 -5.87 -11.24
C LEU A 35 1.82 -5.43 -9.83
N ALA A 36 1.94 -4.11 -9.62
CA ALA A 36 2.12 -3.52 -8.29
C ALA A 36 1.13 -2.40 -8.06
N VAL A 37 1.03 -1.95 -6.80
CA VAL A 37 0.14 -0.87 -6.41
C VAL A 37 0.91 0.16 -5.59
N LEU A 38 0.57 1.43 -5.80
CA LEU A 38 1.12 2.59 -5.10
C LEU A 38 -0.01 3.53 -4.73
N PRO A 39 0.19 4.39 -3.73
CA PRO A 39 -0.76 5.48 -3.51
C PRO A 39 -0.86 6.36 -4.74
N ARG A 40 -2.09 6.77 -5.08
CA ARG A 40 -2.30 7.57 -6.29
C ARG A 40 -1.46 8.84 -6.27
N HIS A 41 -1.29 9.46 -5.09
CA HIS A 41 -0.60 10.74 -5.01
C HIS A 41 0.92 10.60 -5.10
N SER A 42 1.44 9.38 -5.26
CA SER A 42 2.86 9.23 -5.55
C SER A 42 3.17 9.64 -6.99
N GLN A 43 2.15 9.73 -7.83
CA GLN A 43 2.24 10.16 -9.23
C GLN A 43 3.42 9.51 -9.98
N PRO A 44 3.41 8.19 -10.12
CA PRO A 44 4.49 7.54 -10.88
C PRO A 44 4.49 8.05 -12.31
N GLY A 45 5.69 8.28 -12.84
CA GLY A 45 5.82 8.78 -14.20
C GLY A 45 5.93 7.67 -15.21
N LYS A 46 6.74 7.88 -16.26
CA LYS A 46 7.01 6.82 -17.22
C LYS A 46 7.96 5.78 -16.67
N THR A 47 8.77 6.15 -15.70
CA THR A 47 9.70 5.27 -15.03
C THR A 47 9.53 5.43 -13.53
N ILE A 48 10.05 4.47 -12.79
CA ILE A 48 10.07 4.57 -11.35
C ILE A 48 11.35 3.88 -10.84
N TRP A 49 11.97 4.49 -9.83
CA TRP A 49 13.15 3.93 -9.18
C TRP A 49 12.71 2.91 -8.15
N ILE A 50 13.17 1.67 -8.29
CA ILE A 50 12.80 0.57 -7.39
C ILE A 50 14.09 -0.02 -6.82
N GLU A 51 14.31 0.19 -5.51
CA GLU A 51 15.42 -0.38 -4.76
C GLU A 51 16.77 0.09 -5.26
N HIS A 52 17.12 -0.26 -6.49
CA HIS A 52 18.49 -0.08 -6.95
C HIS A 52 18.58 0.20 -8.44
N LYS A 53 17.47 0.46 -9.12
CA LYS A 53 17.48 0.56 -10.57
C LYS A 53 16.21 1.24 -11.08
N LEU A 54 16.31 1.87 -12.25
CA LEU A 54 15.18 2.52 -12.87
C LEU A 54 14.38 1.50 -13.66
N VAL A 55 13.07 1.44 -13.42
CA VAL A 55 12.20 0.43 -14.02
C VAL A 55 11.12 1.17 -14.80
N ASN A 56 10.89 0.76 -16.05
CA ASN A 56 9.84 1.36 -16.86
C ASN A 56 8.46 0.88 -16.44
N ILE A 57 7.50 1.80 -16.45
CA ILE A 57 6.10 1.49 -16.18
C ILE A 57 5.37 1.38 -17.50
N LEU A 58 4.82 0.20 -17.80
CA LEU A 58 4.08 -0.02 -19.03
C LEU A 58 2.65 0.50 -18.97
N ASP A 59 2.09 0.66 -17.77
CA ASP A 59 0.69 1.02 -17.66
C ASP A 59 0.38 1.38 -16.22
N ALA A 60 -0.47 2.39 -16.05
CA ALA A 60 -0.86 2.88 -14.74
C ALA A 60 -2.38 3.07 -14.74
N VAL A 61 -3.03 2.63 -13.67
CA VAL A 61 -4.48 2.69 -13.57
C VAL A 61 -4.83 3.20 -12.19
N GLU A 62 -5.29 4.45 -12.11
CA GLU A 62 -5.79 5.03 -10.87
C GLU A 62 -7.21 4.51 -10.64
N LEU A 63 -7.44 3.90 -9.49
CA LEU A 63 -8.73 3.31 -9.21
C LEU A 63 -9.69 4.37 -8.70
N VAL A 64 -10.90 4.41 -9.27
CA VAL A 64 -12.04 5.15 -8.73
C VAL A 64 -13.22 4.19 -8.59
N ASP A 65 -14.20 4.59 -7.77
CA ASP A 65 -15.35 3.72 -7.52
C ASP A 65 -16.37 3.85 -8.64
N GLU A 66 -17.63 3.45 -8.40
CA GLU A 66 -18.60 3.34 -9.50
C GLU A 66 -19.33 4.65 -9.78
N GLN A 67 -19.19 5.65 -8.92
CA GLN A 67 -19.54 7.02 -9.23
C GLN A 67 -18.27 7.88 -9.34
N GLY A 68 -17.19 7.25 -9.79
CA GLY A 68 -15.99 7.98 -10.21
C GLY A 68 -15.27 8.74 -9.14
N VAL A 69 -15.42 8.35 -7.87
CA VAL A 69 -14.68 8.97 -6.78
C VAL A 69 -13.35 8.24 -6.58
N ASN A 70 -12.31 9.03 -6.34
CA ASN A 70 -10.97 8.55 -6.06
C ASN A 70 -10.93 7.43 -5.01
N LEU A 71 -10.18 6.38 -5.32
CA LEU A 71 -9.82 5.36 -4.33
C LEU A 71 -8.38 5.49 -3.83
N GLU A 72 -7.57 6.36 -4.43
CA GLU A 72 -6.22 6.69 -3.99
C GLU A 72 -5.23 5.55 -4.24
N LEU A 73 -5.52 4.67 -5.19
CA LEU A 73 -4.62 3.56 -5.53
C LEU A 73 -4.30 3.60 -7.01
N THR A 74 -3.02 3.47 -7.36
CA THR A 74 -2.62 3.31 -8.76
C THR A 74 -2.05 1.91 -8.95
N LEU A 75 -2.57 1.22 -9.96
CA LEU A 75 -2.08 -0.09 -10.35
C LEU A 75 -1.05 0.10 -11.45
N ILE A 76 0.20 -0.22 -11.18
CA ILE A 76 1.22 -0.13 -12.22
C ILE A 76 1.69 -1.50 -12.66
N THR A 77 1.88 -1.64 -13.96
CA THR A 77 2.41 -2.83 -14.60
C THR A 77 3.84 -2.52 -15.00
N LEU A 78 4.78 -3.31 -14.49
CA LEU A 78 6.20 -3.04 -14.63
C LEU A 78 6.83 -3.82 -15.78
N ASP A 79 7.84 -3.20 -16.40
CA ASP A 79 8.69 -3.86 -17.41
C ASP A 79 9.89 -4.50 -16.70
N THR A 80 9.65 -5.70 -16.15
CA THR A 80 10.67 -6.39 -15.37
C THR A 80 10.69 -7.85 -15.72
N ASN A 81 11.83 -8.46 -15.40
CA ASN A 81 12.01 -9.90 -15.48
C ASN A 81 11.24 -10.57 -14.35
N GLU A 82 11.30 -9.98 -13.17
CA GLU A 82 10.69 -10.57 -11.98
C GLU A 82 9.17 -10.61 -12.09
N LYS A 83 8.61 -11.76 -11.74
CA LYS A 83 7.22 -11.88 -11.36
C LYS A 83 7.11 -11.88 -9.82
N PHE A 84 6.23 -11.04 -9.29
CA PHE A 84 6.06 -11.03 -7.84
C PHE A 84 5.45 -12.34 -7.36
N ARG A 85 5.89 -12.77 -6.19
CA ARG A 85 5.16 -13.80 -5.44
C ARG A 85 3.68 -13.41 -5.37
N ASP A 86 2.82 -14.28 -5.88
CA ASP A 86 1.40 -13.93 -5.94
C ASP A 86 0.82 -13.94 -4.54
N ILE A 87 0.47 -12.75 -4.02
CA ILE A 87 -0.09 -12.63 -2.68
C ILE A 87 -1.56 -12.28 -2.72
N THR A 88 -2.23 -12.44 -3.88
CA THR A 88 -3.64 -12.10 -4.01
C THR A 88 -4.53 -12.94 -3.09
N LYS A 89 -4.07 -14.14 -2.71
CA LYS A 89 -4.81 -14.97 -1.77
C LYS A 89 -4.88 -14.35 -0.36
N PHE A 90 -3.90 -13.51 0.00
CA PHE A 90 -3.87 -12.90 1.33
C PHE A 90 -4.70 -11.63 1.40
N ILE A 91 -5.30 -11.21 0.29
CA ILE A 91 -6.10 -10.00 0.23
C ILE A 91 -7.58 -10.38 0.29
N PRO A 92 -8.36 -9.82 1.21
CA PRO A 92 -9.77 -10.24 1.33
C PRO A 92 -10.55 -9.89 0.08
N GLU A 93 -11.68 -10.58 -0.09
CA GLU A 93 -12.56 -10.31 -1.22
C GLU A 93 -13.33 -9.00 -1.06
N ASN A 94 -13.50 -8.51 0.17
CA ASN A 94 -14.07 -7.19 0.40
C ASN A 94 -13.23 -6.51 1.49
N ILE A 95 -13.27 -5.16 1.51
CA ILE A 95 -12.43 -4.42 2.44
C ILE A 95 -12.73 -4.88 3.84
N SER A 96 -11.67 -5.18 4.62
CA SER A 96 -11.86 -5.81 5.91
C SER A 96 -11.10 -5.06 6.98
N THR A 97 -11.81 -4.73 8.06
CA THR A 97 -11.21 -4.22 9.28
C THR A 97 -10.33 -5.29 9.91
N ALA A 98 -9.68 -4.94 11.01
CA ALA A 98 -8.76 -5.83 11.69
C ALA A 98 -8.44 -5.29 13.06
N SER A 99 -7.88 -6.15 13.91
CA SER A 99 -7.44 -5.77 15.24
C SER A 99 -5.95 -6.03 15.38
N ASP A 100 -5.27 -5.18 16.16
CA ASP A 100 -3.83 -5.31 16.40
C ASP A 100 -3.03 -5.39 15.10
N ALA A 101 -3.37 -4.52 14.15
CA ALA A 101 -2.74 -4.57 12.83
C ALA A 101 -1.35 -3.97 12.89
N THR A 102 -0.52 -4.36 11.93
CA THR A 102 0.81 -3.80 11.81
C THR A 102 0.98 -3.17 10.43
N LEU A 103 1.63 -2.01 10.41
CA LEU A 103 1.94 -1.27 9.19
C LEU A 103 3.39 -1.55 8.83
N VAL A 104 3.60 -2.08 7.63
CA VAL A 104 4.94 -2.45 7.16
C VAL A 104 5.37 -1.41 6.13
N ILE A 105 6.42 -0.66 6.48
CA ILE A 105 6.97 0.39 5.66
C ILE A 105 8.33 -0.06 5.16
N ASN A 106 8.65 0.32 3.92
CA ASN A 106 9.94 -0.05 3.36
C ASN A 106 10.34 0.99 2.32
N THR A 107 11.24 1.87 2.75
CA THR A 107 11.67 3.07 2.05
C THR A 107 13.18 3.18 2.28
N GLU A 108 13.86 3.95 1.42
CA GLU A 108 15.28 4.24 1.68
C GLU A 108 15.44 4.92 3.04
N HIS A 109 14.52 5.81 3.40
CA HIS A 109 14.64 6.54 4.64
C HIS A 109 14.09 5.74 5.82
N MET A 110 13.11 4.89 5.57
CA MET A 110 12.49 4.05 6.60
C MET A 110 12.51 2.60 6.16
N PRO A 111 13.68 1.97 6.17
CA PRO A 111 13.80 0.60 5.66
C PRO A 111 13.27 -0.43 6.67
N SER A 112 12.60 -1.47 6.16
CA SER A 112 12.11 -2.59 6.98
C SER A 112 11.53 -2.16 8.32
N MET A 113 10.56 -1.26 8.26
CA MET A 113 10.06 -0.59 9.46
C MET A 113 8.71 -1.16 9.87
N PHE A 114 8.56 -1.47 11.16
CA PHE A 114 7.36 -2.14 11.65
C PHE A 114 6.68 -1.23 12.66
N VAL A 115 5.43 -0.90 12.39
CA VAL A 115 4.72 0.13 13.14
C VAL A 115 3.43 -0.46 13.70
N PRO A 116 3.30 -0.56 15.04
CA PRO A 116 2.15 -1.18 15.72
C PRO A 116 0.95 -0.25 15.73
N VAL A 117 0.34 -0.06 14.57
CA VAL A 117 -0.92 0.65 14.56
C VAL A 117 -1.94 -0.20 15.31
N GLY A 118 -3.04 0.42 15.69
CA GLY A 118 -4.02 -0.25 16.49
C GLY A 118 -4.91 -1.15 15.67
N ASP A 119 -6.09 -1.44 16.22
CA ASP A 119 -7.17 -1.98 15.43
C ASP A 119 -7.41 -1.06 14.25
N VAL A 120 -7.82 -1.64 13.13
CA VAL A 120 -8.15 -0.88 11.93
C VAL A 120 -9.65 -0.97 11.72
N VAL A 121 -10.30 0.18 11.47
CA VAL A 121 -11.75 0.28 11.41
C VAL A 121 -12.16 1.10 10.19
N GLN A 122 -13.44 1.03 9.86
CA GLN A 122 -13.96 1.60 8.62
C GLN A 122 -14.04 3.13 8.72
N TYR A 123 -14.25 3.77 7.56
CA TYR A 123 -14.27 5.22 7.48
C TYR A 123 -15.07 5.70 6.27
N GLY A 124 -14.76 5.15 5.10
CA GLY A 124 -15.39 5.62 3.88
C GLY A 124 -14.76 6.89 3.36
N PHE A 125 -15.47 8.02 3.50
CA PHE A 125 -15.04 9.34 2.97
C PHE A 125 -13.85 9.87 3.75
N LEU A 126 -12.85 10.40 3.02
CA LEU A 126 -11.67 11.07 3.59
C LEU A 126 -11.45 12.33 2.75
N ASN A 127 -11.12 13.43 3.42
CA ASN A 127 -10.79 14.67 2.70
C ASN A 127 -9.28 14.70 2.75
N LEU A 128 -8.63 14.28 1.68
CA LEU A 128 -7.16 14.27 1.74
C LEU A 128 -6.64 15.38 0.85
N SER A 129 -6.31 16.50 1.48
CA SER A 129 -5.75 17.66 0.73
C SER A 129 -6.66 18.09 -0.43
N GLY A 130 -7.98 18.12 -0.22
CA GLY A 130 -8.93 18.53 -1.27
C GLY A 130 -9.37 17.43 -2.20
N LYS A 131 -8.76 16.25 -2.07
CA LYS A 131 -9.16 15.07 -2.86
C LYS A 131 -10.05 14.23 -1.94
N PRO A 132 -11.35 14.11 -2.30
CA PRO A 132 -12.30 13.34 -1.57
C PRO A 132 -12.05 11.92 -2.07
N THR A 133 -12.08 11.01 -1.12
CA THR A 133 -11.60 9.64 -1.26
C THR A 133 -12.52 8.66 -0.56
N HIS A 134 -12.84 7.54 -1.22
CA HIS A 134 -13.71 6.54 -0.60
C HIS A 134 -12.95 5.26 -0.29
N ARG A 135 -13.66 4.37 0.43
CA ARG A 135 -13.18 3.01 0.77
C ARG A 135 -11.92 3.03 1.64
N THR A 136 -11.78 4.04 2.50
CA THR A 136 -10.65 4.18 3.40
C THR A 136 -10.97 3.59 4.77
N MET A 137 -9.92 3.32 5.54
CA MET A 137 -10.02 2.82 6.90
C MET A 137 -9.08 3.63 7.79
N MET A 138 -9.24 3.47 9.11
CA MET A 138 -8.60 4.34 10.11
C MET A 138 -7.96 3.52 11.23
N TYR A 139 -6.86 4.03 11.76
CA TYR A 139 -6.17 3.45 12.92
C TYR A 139 -5.65 4.59 13.79
N ASN A 140 -5.94 4.53 15.10
CA ASN A 140 -5.59 5.63 16.00
C ASN A 140 -4.11 5.56 16.39
N PHE A 141 -3.27 5.88 15.40
CA PHE A 141 -1.81 5.94 15.56
C PHE A 141 -1.29 7.15 14.78
N PRO A 142 -0.36 7.92 15.36
CA PRO A 142 0.09 9.14 14.67
C PRO A 142 1.13 8.84 13.59
N THR A 143 0.64 8.43 12.43
CA THR A 143 1.55 8.18 11.34
C THR A 143 2.06 9.49 10.80
N LYS A 144 3.08 9.41 9.95
CA LYS A 144 3.80 10.60 9.53
C LYS A 144 4.21 10.50 8.07
N ALA A 145 4.62 11.65 7.55
CA ALA A 145 5.06 11.71 6.17
C ALA A 145 6.20 10.73 5.94
N GLY A 146 6.27 10.23 4.71
CA GLY A 146 7.22 9.19 4.35
C GLY A 146 6.72 7.79 4.58
N GLN A 147 5.52 7.61 5.12
CA GLN A 147 5.02 6.28 5.40
C GLN A 147 3.93 5.84 4.45
N CYS A 148 3.65 6.64 3.41
CA CYS A 148 2.63 6.30 2.43
C CYS A 148 3.08 5.15 1.53
N GLY A 149 2.11 4.33 1.17
CA GLY A 149 2.41 3.06 0.54
C GLY A 149 2.62 1.92 1.50
N GLY A 150 2.82 2.22 2.78
CA GLY A 150 3.05 1.19 3.78
C GLY A 150 1.93 0.17 3.82
N VAL A 151 2.25 -1.07 4.14
CA VAL A 151 1.31 -2.17 4.01
C VAL A 151 0.69 -2.49 5.36
N VAL A 152 -0.64 -2.38 5.43
CA VAL A 152 -1.41 -2.72 6.63
C VAL A 152 -1.68 -4.21 6.64
N THR A 153 -1.33 -4.89 7.74
CA THR A 153 -1.56 -6.33 7.82
C THR A 153 -1.86 -6.77 9.26
N SER A 154 -2.49 -7.94 9.35
CA SER A 154 -2.76 -8.62 10.61
C SER A 154 -3.09 -10.07 10.31
N VAL A 155 -2.41 -10.99 10.98
CA VAL A 155 -2.72 -12.42 10.97
C VAL A 155 -2.68 -12.97 9.56
N GLY A 156 -1.67 -12.55 8.79
CA GLY A 156 -1.44 -13.12 7.48
C GLY A 156 -2.40 -12.66 6.42
N LYS A 157 -2.90 -11.43 6.53
CA LYS A 157 -3.94 -10.93 5.65
C LYS A 157 -3.64 -9.47 5.27
N VAL A 158 -3.46 -9.20 3.97
CA VAL A 158 -3.06 -7.89 3.47
C VAL A 158 -4.28 -7.05 3.12
N ILE A 159 -4.48 -5.93 3.83
CA ILE A 159 -5.79 -5.29 3.88
C ILE A 159 -5.77 -3.82 3.49
N GLY A 160 -4.64 -3.11 3.49
CA GLY A 160 -4.69 -1.72 3.08
C GLY A 160 -3.34 -1.16 2.71
N ILE A 161 -3.37 0.01 2.07
CA ILE A 161 -2.18 0.78 1.67
C ILE A 161 -2.28 2.16 2.32
N HIS A 162 -1.29 2.51 3.14
CA HIS A 162 -1.36 3.76 3.90
C HIS A 162 -1.33 4.96 2.96
N ILE A 163 -2.26 5.91 3.18
CA ILE A 163 -2.40 7.07 2.29
C ILE A 163 -2.39 8.43 3.01
N GLY A 164 -2.69 8.52 4.30
CA GLY A 164 -2.75 9.86 4.88
C GLY A 164 -2.89 9.85 6.40
N GLY A 165 -2.85 11.05 6.97
CA GLY A 165 -2.91 11.18 8.42
C GLY A 165 -3.11 12.62 8.84
N ASN A 166 -3.04 12.83 10.16
CA ASN A 166 -3.25 14.16 10.71
C ASN A 166 -2.42 14.45 11.95
N GLY A 167 -1.53 13.55 12.36
CA GLY A 167 -0.75 13.70 13.56
C GLY A 167 -1.29 12.94 14.76
N ARG A 168 -2.48 12.37 14.64
CA ARG A 168 -3.08 11.54 15.68
C ARG A 168 -3.75 10.31 15.10
N GLN A 169 -4.12 10.33 13.84
CA GLN A 169 -4.78 9.21 13.19
C GLN A 169 -4.13 8.95 11.84
N GLY A 170 -4.21 7.70 11.40
CA GLY A 170 -3.72 7.32 10.10
C GLY A 170 -4.81 6.65 9.30
N PHE A 171 -4.76 6.85 7.98
CA PHE A 171 -5.81 6.34 7.10
C PHE A 171 -5.20 5.59 5.92
N CYS A 172 -5.78 4.43 5.60
CA CYS A 172 -5.32 3.61 4.49
C CYS A 172 -6.45 3.47 3.48
N ALA A 173 -6.07 3.27 2.23
CA ALA A 173 -7.01 2.82 1.22
C ALA A 173 -7.21 1.31 1.38
N GLY A 174 -8.47 0.88 1.53
CA GLY A 174 -8.73 -0.54 1.69
C GLY A 174 -8.39 -1.35 0.44
N LEU A 175 -7.94 -2.59 0.64
CA LEU A 175 -7.62 -3.50 -0.45
C LEU A 175 -8.69 -4.59 -0.57
N LYS A 176 -9.08 -4.90 -1.79
CA LYS A 176 -9.95 -6.03 -2.04
C LYS A 176 -9.42 -6.79 -3.24
N ARG A 177 -9.66 -8.10 -3.26
CA ARG A 177 -8.99 -8.99 -4.19
C ARG A 177 -9.34 -8.69 -5.63
N SER A 178 -10.56 -8.24 -5.90
CA SER A 178 -10.96 -7.94 -7.27
C SER A 178 -10.14 -6.84 -7.93
N TYR A 179 -9.46 -5.99 -7.14
CA TYR A 179 -8.62 -4.95 -7.74
C TYR A 179 -7.51 -5.55 -8.57
N PHE A 180 -7.06 -6.74 -8.19
CA PHE A 180 -5.87 -7.37 -8.75
C PHE A 180 -6.22 -8.60 -9.59
N ALA A 181 -7.51 -8.85 -9.82
CA ALA A 181 -7.95 -9.90 -10.74
C ALA A 181 -7.44 -9.66 -12.17
C1 EGF B . -9.57 13.74 7.98
C10 EGF B . 1.33 11.24 3.55
C11 EGF B . 1.17 10.63 4.94
C12 EGF B . 0.61 11.59 5.99
C13 EGF B . 1.43 12.83 6.33
C14 EGF B . 0.97 13.19 7.74
C15 EGF B . 0.40 10.95 7.36
C16 EGF B . 1.98 10.23 2.60
C17 EGF B . 2.95 10.45 1.73
C18 EGF B . 3.95 11.50 1.88
C19 EGF B . 4.59 13.32 0.50
C2 EGF B . -8.24 14.07 7.41
C20 EGF B . 3.24 13.97 0.44
C21 EGF B . 2.77 14.64 -0.58
C22 EGF B . 1.44 15.31 -0.65
C23 EGF B . 0.33 14.39 -0.95
C24 EGF B . -1.42 13.79 0.59
C25 EGF B . -2.59 13.32 -0.25
C26 EGF B . -3.16 14.15 -1.21
C27 EGF B . -4.23 13.71 -1.97
C28 EGF B . -4.76 12.45 -1.76
C29 EGF B . -4.22 11.62 -0.81
C3 EGF B . -7.81 14.69 6.29
C30 EGF B . -3.14 12.06 -0.05
C31 EGF B . -2.02 16.29 5.38
C32 EGF B . -2.58 17.58 5.94
C33 EGF B . -1.27 15.53 6.46
C4 EGF B . -6.42 14.67 6.36
C5 EGF B . -5.46 15.24 5.41
C6 EGF B . -3.13 15.41 4.75
C7 EGF B . -2.55 14.15 4.09
C8 EGF B . -1.53 13.27 2.03
C9 EGF B . -0.21 12.97 2.72
N1 EGF B . -4.16 15.05 5.69
N2 EGF B . -2.32 14.24 2.78
N3 EGF B . 0.04 11.69 3.03
N4 EGF B . 0.63 11.88 8.29
N5 EGF B . -6.01 14.07 7.45
O1 EGF B . -5.82 15.85 4.39
O2 EGF B . -2.34 13.14 4.75
O3 EGF B . 0.58 13.88 3.01
O4 EGF B . 0.05 9.78 7.56
O5 EGF B . 4.33 11.99 2.94
O6 EGF B . 4.45 11.88 0.69
O7 EGF B . -0.16 13.45 0.01
O8 EGF B . -7.18 13.67 8.13
#